data_5SD3
#
_entry.id   5SD3
#
_cell.length_a   29.560
_cell.length_b   67.430
_cell.length_c   72.040
_cell.angle_alpha   90.000
_cell.angle_beta   90.000
_cell.angle_gamma   90.000
#
_symmetry.space_group_name_H-M   'P 21 21 21'
#
loop_
_entity.id
_entity.type
_entity.pdbx_description
1 polymer 'Dihydrofolate reductase'
2 non-polymer 'NADP NICOTINAMIDE-ADENINE-DINUCLEOTIDE PHOSPHATE'
3 non-polymer '3-{2-[(3-{[(2,4-diamino-6-ethylpyrimidin-5-yl)oxy]methyl}oxetan-3-yl)methoxy]phenyl}propanoic acid'
4 non-polymer 1,2-ETHANEDIOL
5 water water
#
_entity_poly.entity_id   1
_entity_poly.type   'polypeptide(L)'
_entity_poly.pdbx_seq_one_letter_code
;MGSSHHHHHHSSGLVPRGSHMVGLIWAQATSGVIGRGGDIPWRLPEDQAHFREITMGHTIVMGRRTWDSLPAKVRPLPGR
RNVVLSRQADFMASGAEVVGSLEEALTSPETWVIGGGQVYALALPYATRCEVTEVDIGLPREAGDALAPVLDETWRGETG
EWRFSRSGLRYRLYSYHRS
;
_entity_poly.pdbx_strand_id   A
#
# COMPACT_ATOMS: atom_id res chain seq x y z
N LEU A 14 -11.78 -10.02 13.72
CA LEU A 14 -12.95 -10.02 12.85
C LEU A 14 -13.37 -8.58 12.54
N VAL A 15 -13.95 -8.36 11.36
CA VAL A 15 -14.37 -7.02 10.95
C VAL A 15 -15.89 -6.99 10.89
N PRO A 16 -16.55 -6.34 11.83
CA PRO A 16 -18.01 -6.17 11.73
C PRO A 16 -18.38 -5.35 10.50
N ARG A 17 -19.53 -5.68 9.91
CA ARG A 17 -19.84 -5.03 8.63
C ARG A 17 -20.27 -3.58 8.80
N GLY A 18 -20.60 -3.16 10.01
CA GLY A 18 -20.95 -1.78 10.25
C GLY A 18 -19.77 -0.89 10.58
N SER A 19 -18.57 -1.43 10.60
CA SER A 19 -17.37 -0.67 10.92
C SER A 19 -16.72 -0.12 9.64
N HIS A 20 -15.66 0.65 9.81
CA HIS A 20 -14.85 1.14 8.68
C HIS A 20 -13.38 0.93 9.04
N MET A 21 -12.91 -0.30 8.85
CA MET A 21 -11.52 -0.62 9.13
CA MET A 21 -11.52 -0.63 9.12
C MET A 21 -10.64 -0.12 7.99
N VAL A 22 -9.54 0.53 8.34
CA VAL A 22 -8.60 1.10 7.38
C VAL A 22 -7.23 0.51 7.65
N GLY A 23 -6.65 -0.16 6.66
CA GLY A 23 -5.30 -0.67 6.74
C GLY A 23 -4.42 -0.06 5.66
N LEU A 24 -3.13 0.03 5.95
CA LEU A 24 -2.15 0.46 4.96
C LEU A 24 -1.27 -0.73 4.61
N ILE A 25 -0.91 -0.88 3.34
CA ILE A 25 -0.01 -1.96 2.93
C ILE A 25 1.01 -1.39 1.96
N TRP A 26 2.30 -1.63 2.23
CA TRP A 26 3.38 -1.11 1.38
C TRP A 26 4.59 -2.02 1.45
N ALA A 27 5.46 -1.89 0.45
CA ALA A 27 6.78 -2.51 0.45
C ALA A 27 7.84 -1.40 0.38
N GLN A 28 8.85 -1.47 1.23
CA GLN A 28 9.90 -0.46 1.27
C GLN A 28 11.27 -1.13 1.24
N ALA A 29 12.24 -0.37 0.73
CA ALA A 29 13.63 -0.72 0.99
C ALA A 29 13.95 -0.40 2.45
N THR A 30 15.11 -0.88 2.91
CA THR A 30 15.49 -0.63 4.29
C THR A 30 15.60 0.86 4.60
N SER A 31 15.87 1.70 3.59
CA SER A 31 15.95 3.13 3.77
C SER A 31 14.59 3.81 3.87
N GLY A 32 13.50 3.10 3.60
CA GLY A 32 12.19 3.71 3.58
C GLY A 32 11.70 4.11 2.20
N VAL A 33 12.54 3.98 1.17
CA VAL A 33 12.10 4.29 -0.19
C VAL A 33 11.03 3.31 -0.62
N ILE A 34 9.93 3.83 -1.14
CA ILE A 34 8.89 3.01 -1.76
C ILE A 34 8.71 3.26 -3.25
N GLY A 35 9.13 4.40 -3.78
CA GLY A 35 8.91 4.70 -5.18
C GLY A 35 9.92 5.71 -5.67
N ARG A 36 10.24 5.63 -6.96
CA ARG A 36 11.19 6.53 -7.58
C ARG A 36 10.88 6.58 -9.06
N GLY A 37 10.84 7.79 -9.62
CA GLY A 37 10.61 7.95 -11.05
C GLY A 37 9.32 7.35 -11.55
N GLY A 38 8.28 7.31 -10.72
CA GLY A 38 7.01 6.76 -11.17
C GLY A 38 6.91 5.26 -11.18
N ASP A 39 7.79 4.56 -10.46
CA ASP A 39 7.74 3.11 -10.38
C ASP A 39 8.23 2.70 -8.99
N ILE A 40 8.22 1.40 -8.74
CA ILE A 40 8.85 0.80 -7.57
C ILE A 40 10.23 0.32 -8.02
N PRO A 41 11.32 0.72 -7.32
CA PRO A 41 12.67 0.44 -7.85
C PRO A 41 13.24 -0.93 -7.52
N TRP A 42 12.39 -1.95 -7.46
CA TRP A 42 12.82 -3.35 -7.39
C TRP A 42 11.63 -4.20 -7.81
N ARG A 43 11.87 -5.49 -7.99
CA ARG A 43 10.77 -6.44 -8.16
C ARG A 43 11.00 -7.63 -7.23
N LEU A 44 9.94 -8.03 -6.52
CA LEU A 44 10.01 -9.12 -5.56
C LEU A 44 8.73 -9.94 -5.69
N PRO A 45 8.80 -11.11 -6.34
CA PRO A 45 7.56 -11.88 -6.56
CA PRO A 45 7.56 -11.89 -6.56
C PRO A 45 6.84 -12.26 -5.28
N GLU A 46 7.57 -12.60 -4.23
CA GLU A 46 6.94 -12.94 -2.96
C GLU A 46 6.12 -11.79 -2.42
N ASP A 47 6.57 -10.55 -2.64
CA ASP A 47 5.80 -9.40 -2.20
C ASP A 47 4.56 -9.19 -3.06
N GLN A 48 4.66 -9.44 -4.37
CA GLN A 48 3.47 -9.35 -5.22
C GLN A 48 2.42 -10.35 -4.75
N ALA A 49 2.83 -11.58 -4.46
CA ALA A 49 1.88 -12.58 -3.99
C ALA A 49 1.25 -12.17 -2.66
N HIS A 50 2.07 -11.66 -1.73
CA HIS A 50 1.59 -11.25 -0.40
C HIS A 50 0.61 -10.09 -0.50
N PHE A 51 0.94 -9.09 -1.33
CA PHE A 51 0.03 -7.96 -1.55
C PHE A 51 -1.32 -8.43 -2.05
N ARG A 52 -1.32 -9.35 -3.00
CA ARG A 52 -2.59 -9.85 -3.53
C ARG A 52 -3.35 -10.70 -2.52
N GLU A 53 -2.65 -11.52 -1.72
CA GLU A 53 -3.33 -12.33 -0.72
C GLU A 53 -4.07 -11.45 0.29
N ILE A 54 -3.45 -10.34 0.70
CA ILE A 54 -4.04 -9.48 1.73
CA ILE A 54 -4.06 -9.50 1.72
C ILE A 54 -5.21 -8.69 1.16
N THR A 55 -5.04 -8.12 -0.04
CA THR A 55 -6.02 -7.16 -0.55
C THR A 55 -7.18 -7.80 -1.30
N MET A 56 -7.04 -9.05 -1.77
CA MET A 56 -8.05 -9.61 -2.67
C MET A 56 -9.43 -9.61 -2.01
N GLY A 57 -10.43 -9.17 -2.78
CA GLY A 57 -11.80 -9.13 -2.31
C GLY A 57 -12.21 -7.85 -1.62
N HIS A 58 -11.27 -6.97 -1.32
CA HIS A 58 -11.55 -5.75 -0.57
C HIS A 58 -11.48 -4.53 -1.48
N THR A 59 -11.92 -3.39 -0.95
CA THR A 59 -11.70 -2.12 -1.61
C THR A 59 -10.25 -1.70 -1.44
N ILE A 60 -9.63 -1.26 -2.53
CA ILE A 60 -8.28 -0.69 -2.51
C ILE A 60 -8.36 0.78 -2.89
N VAL A 61 -7.64 1.61 -2.14
CA VAL A 61 -7.60 3.05 -2.35
C VAL A 61 -6.17 3.43 -2.69
N MET A 62 -5.99 4.15 -3.79
CA MET A 62 -4.65 4.54 -4.23
C MET A 62 -4.66 6.00 -4.65
N GLY A 63 -3.50 6.63 -4.57
CA GLY A 63 -3.35 7.97 -5.10
C GLY A 63 -3.32 7.99 -6.62
N ARG A 64 -3.64 9.15 -7.18
CA ARG A 64 -3.67 9.30 -8.63
C ARG A 64 -2.33 8.92 -9.26
N ARG A 65 -1.21 9.25 -8.62
CA ARG A 65 0.10 8.92 -9.22
C ARG A 65 0.36 7.42 -9.20
N THR A 66 -0.21 6.71 -8.25
CA THR A 66 -0.10 5.25 -8.24
C THR A 66 -0.94 4.63 -9.36
N TRP A 67 -2.15 5.14 -9.57
CA TRP A 67 -2.92 4.72 -10.75
C TRP A 67 -2.11 4.92 -12.02
N ASP A 68 -1.45 6.09 -12.15
CA ASP A 68 -0.65 6.36 -13.34
C ASP A 68 0.49 5.37 -13.50
N SER A 69 1.00 4.83 -12.38
CA SER A 69 2.12 3.89 -12.44
C SER A 69 1.71 2.51 -12.91
N LEU A 70 0.42 2.21 -12.98
CA LEU A 70 -0.05 0.92 -13.47
C LEU A 70 -0.20 0.98 -14.98
N PRO A 71 0.36 0.01 -15.71
CA PRO A 71 0.12 -0.07 -17.15
C PRO A 71 -1.38 -0.05 -17.46
N ALA A 72 -1.74 0.64 -18.55
CA ALA A 72 -3.15 0.74 -18.91
C ALA A 72 -3.81 -0.62 -19.02
N LYS A 73 -3.09 -1.62 -19.54
CA LYS A 73 -3.69 -2.93 -19.75
C LYS A 73 -4.02 -3.65 -18.44
N VAL A 74 -3.37 -3.31 -17.33
CA VAL A 74 -3.61 -4.04 -16.09
C VAL A 74 -4.65 -3.38 -15.18
N ARG A 75 -4.93 -2.11 -15.36
CA ARG A 75 -5.81 -1.42 -14.44
C ARG A 75 -7.22 -1.32 -15.01
N PRO A 76 -8.27 -1.36 -14.17
CA PRO A 76 -8.23 -1.50 -12.71
C PRO A 76 -7.76 -2.89 -12.28
N LEU A 77 -7.16 -2.95 -11.11
CA LEU A 77 -6.62 -4.21 -10.62
C LEU A 77 -7.75 -5.20 -10.34
N PRO A 78 -7.63 -6.45 -10.77
CA PRO A 78 -8.78 -7.37 -10.69
C PRO A 78 -9.09 -7.83 -9.27
N GLY A 79 -10.36 -8.19 -9.05
CA GLY A 79 -10.77 -8.83 -7.81
C GLY A 79 -10.97 -7.91 -6.63
N ARG A 80 -10.88 -6.60 -6.84
CA ARG A 80 -10.91 -5.60 -5.78
C ARG A 80 -11.60 -4.36 -6.34
N ARG A 81 -12.39 -3.69 -5.52
CA ARG A 81 -12.98 -2.41 -5.92
C ARG A 81 -11.88 -1.35 -5.91
N ASN A 82 -11.59 -0.75 -7.07
CA ASN A 82 -10.51 0.24 -7.18
C ASN A 82 -11.06 1.64 -6.99
N VAL A 83 -10.46 2.40 -6.07
CA VAL A 83 -10.82 3.79 -5.82
C VAL A 83 -9.54 4.62 -5.92
N VAL A 84 -9.59 5.74 -6.65
CA VAL A 84 -8.42 6.58 -6.90
C VAL A 84 -8.68 7.95 -6.31
N LEU A 85 -7.72 8.48 -5.55
CA LEU A 85 -7.81 9.83 -4.99
C LEU A 85 -7.17 10.86 -5.93
N SER A 86 -7.93 11.90 -6.27
CA SER A 86 -7.41 13.02 -7.04
C SER A 86 -8.15 14.28 -6.63
N ARG A 87 -7.44 15.42 -6.68
CA ARG A 87 -8.08 16.72 -6.53
C ARG A 87 -8.47 17.36 -7.86
N GLN A 88 -8.14 16.72 -8.97
CA GLN A 88 -8.38 17.30 -10.30
C GLN A 88 -9.75 16.87 -10.79
N ALA A 89 -10.62 17.84 -11.06
CA ALA A 89 -12.00 17.54 -11.45
C ALA A 89 -12.08 16.85 -12.81
N ASP A 90 -11.03 16.90 -13.62
CA ASP A 90 -11.01 16.29 -14.95
C ASP A 90 -10.14 15.04 -15.02
N PHE A 91 -9.58 14.57 -13.91
CA PHE A 91 -8.87 13.30 -13.92
C PHE A 91 -9.87 12.14 -13.90
N MET A 92 -9.71 11.20 -14.82
CA MET A 92 -10.62 10.07 -14.94
C MET A 92 -9.82 8.77 -14.97
N ALA A 93 -10.36 7.74 -14.32
CA ALA A 93 -9.71 6.43 -14.20
C ALA A 93 -10.66 5.39 -14.79
N SER A 94 -10.44 5.01 -16.03
CA SER A 94 -11.35 4.09 -16.71
C SER A 94 -11.45 2.77 -15.95
N GLY A 95 -12.68 2.37 -15.62
CA GLY A 95 -12.93 1.15 -14.89
C GLY A 95 -13.00 1.31 -13.39
N ALA A 96 -12.64 2.48 -12.86
CA ALA A 96 -12.52 2.71 -11.42
C ALA A 96 -13.25 4.00 -11.07
N GLU A 97 -13.36 4.24 -9.77
CA GLU A 97 -14.00 5.45 -9.23
C GLU A 97 -12.92 6.41 -8.77
N VAL A 98 -13.04 7.68 -9.15
CA VAL A 98 -12.16 8.75 -8.65
C VAL A 98 -12.92 9.56 -7.62
N VAL A 99 -12.33 9.76 -6.44
CA VAL A 99 -12.94 10.61 -5.42
C VAL A 99 -11.94 11.64 -4.93
N GLY A 100 -12.45 12.71 -4.35
CA GLY A 100 -11.63 13.84 -3.96
C GLY A 100 -11.18 13.87 -2.51
N SER A 101 -11.48 12.85 -1.73
CA SER A 101 -11.15 12.87 -0.31
C SER A 101 -11.15 11.44 0.22
N LEU A 102 -10.45 11.26 1.33
CA LEU A 102 -10.49 9.99 2.03
CA LEU A 102 -10.48 9.99 2.03
C LEU A 102 -11.87 9.73 2.62
N GLU A 103 -12.56 10.78 3.07
CA GLU A 103 -13.89 10.60 3.61
C GLU A 103 -14.81 9.92 2.59
N GLU A 104 -14.72 10.33 1.34
CA GLU A 104 -15.53 9.72 0.29
C GLU A 104 -15.02 8.33 -0.07
N ALA A 105 -13.73 8.07 0.09
CA ALA A 105 -13.14 6.80 -0.32
C ALA A 105 -13.37 5.68 0.69
N LEU A 106 -13.59 6.01 1.97
CA LEU A 106 -13.56 5.00 3.03
C LEU A 106 -14.98 4.62 3.46
N THR A 107 -15.78 4.16 2.50
CA THR A 107 -17.15 3.79 2.78
C THR A 107 -17.35 2.30 3.00
N SER A 108 -16.38 1.46 2.62
CA SER A 108 -16.51 0.02 2.76
C SER A 108 -16.18 -0.41 4.18
N PRO A 109 -16.60 -1.62 4.58
CA PRO A 109 -16.22 -2.10 5.91
C PRO A 109 -14.72 -2.35 6.06
N GLU A 110 -14.03 -2.77 5.00
CA GLU A 110 -12.59 -3.01 5.06
CA GLU A 110 -12.60 -3.03 5.05
C GLU A 110 -11.96 -2.36 3.83
N THR A 111 -11.02 -1.47 4.06
CA THR A 111 -10.33 -0.78 2.97
C THR A 111 -8.84 -0.92 3.18
N TRP A 112 -8.14 -1.28 2.10
CA TRP A 112 -6.68 -1.25 2.07
C TRP A 112 -6.20 -0.05 1.26
N VAL A 113 -5.43 0.81 1.91
CA VAL A 113 -4.75 1.91 1.23
C VAL A 113 -3.44 1.35 0.71
N ILE A 114 -3.26 1.40 -0.62
CA ILE A 114 -2.20 0.69 -1.32
C ILE A 114 -1.14 1.63 -1.87
N GLY A 115 -1.13 2.90 -1.46
CA GLY A 115 -0.09 3.85 -1.81
C GLY A 115 -0.61 4.97 -2.69
N GLY A 116 0.28 5.91 -3.00
CA GLY A 116 1.68 5.92 -2.63
C GLY A 116 1.99 6.76 -1.41
N GLY A 117 3.14 7.44 -1.45
CA GLY A 117 3.64 8.13 -0.25
C GLY A 117 2.70 9.19 0.28
N GLN A 118 2.14 10.02 -0.61
CA GLN A 118 1.22 11.05 -0.14
C GLN A 118 -0.02 10.43 0.49
N VAL A 119 -0.57 9.40 -0.14
CA VAL A 119 -1.81 8.83 0.37
C VAL A 119 -1.59 8.07 1.67
N TYR A 120 -0.44 7.42 1.87
CA TYR A 120 -0.20 6.82 3.19
C TYR A 120 -0.21 7.86 4.29
N ALA A 121 0.47 9.00 4.07
CA ALA A 121 0.51 10.04 5.09
C ALA A 121 -0.89 10.58 5.35
N LEU A 122 -1.69 10.70 4.28
CA LEU A 122 -3.06 11.20 4.39
C LEU A 122 -3.92 10.26 5.21
N ALA A 123 -3.78 8.95 4.99
CA ALA A 123 -4.65 7.96 5.62
C ALA A 123 -4.20 7.53 7.01
N LEU A 124 -2.93 7.75 7.35
CA LEU A 124 -2.39 7.24 8.61
C LEU A 124 -3.24 7.56 9.84
N PRO A 125 -3.77 8.78 10.03
CA PRO A 125 -4.55 9.05 11.25
C PRO A 125 -5.79 8.18 11.42
N TYR A 126 -6.30 7.58 10.34
CA TYR A 126 -7.48 6.73 10.40
C TYR A 126 -7.17 5.25 10.44
N ALA A 127 -5.90 4.88 10.24
CA ALA A 127 -5.53 3.48 10.07
C ALA A 127 -5.31 2.79 11.41
N THR A 128 -5.70 1.52 11.47
CA THR A 128 -5.46 0.68 12.64
C THR A 128 -4.62 -0.55 12.33
N ARG A 129 -4.24 -0.77 11.07
CA ARG A 129 -3.36 -1.87 10.70
C ARG A 129 -2.40 -1.39 9.62
N CYS A 130 -1.15 -1.85 9.67
CA CYS A 130 -0.21 -1.70 8.57
C CYS A 130 0.44 -3.05 8.30
N GLU A 131 0.54 -3.41 7.02
CA GLU A 131 1.25 -4.61 6.60
C GLU A 131 2.40 -4.18 5.73
N VAL A 132 3.62 -4.46 6.17
CA VAL A 132 4.83 -3.94 5.55
C VAL A 132 5.69 -5.09 5.06
N THR A 133 6.21 -4.94 3.84
CA THR A 133 7.32 -5.77 3.39
C THR A 133 8.55 -4.89 3.33
N GLU A 134 9.63 -5.35 3.97
CA GLU A 134 10.90 -4.65 3.91
C GLU A 134 11.88 -5.46 3.07
N VAL A 135 12.44 -4.82 2.06
CA VAL A 135 13.34 -5.47 1.10
C VAL A 135 14.76 -5.02 1.41
N ASP A 136 15.67 -5.98 1.56
CA ASP A 136 17.06 -5.70 1.95
C ASP A 136 17.87 -5.35 0.70
N ILE A 137 17.46 -4.26 0.05
CA ILE A 137 18.16 -3.69 -1.09
C ILE A 137 18.65 -2.31 -0.68
N GLY A 138 19.92 -2.03 -0.93
CA GLY A 138 20.54 -0.81 -0.45
C GLY A 138 20.27 0.37 -1.36
N LEU A 139 19.09 0.95 -1.25
CA LEU A 139 18.70 2.08 -2.08
C LEU A 139 18.61 3.33 -1.22
N PRO A 140 19.56 4.25 -1.32
CA PRO A 140 19.49 5.47 -0.51
C PRO A 140 18.32 6.35 -0.95
N ARG A 141 17.88 7.18 -0.01
CA ARG A 141 16.82 8.14 -0.31
C ARG A 141 17.36 9.26 -1.17
N GLU A 142 16.66 9.55 -2.25
CA GLU A 142 17.00 10.65 -3.14
C GLU A 142 15.86 11.65 -3.18
N ALA A 143 16.19 12.89 -3.52
CA ALA A 143 15.17 13.92 -3.61
C ALA A 143 14.08 13.50 -4.58
N GLY A 144 12.83 13.71 -4.20
CA GLY A 144 11.72 13.33 -5.02
C GLY A 144 11.21 11.91 -4.82
N ASP A 145 11.93 11.07 -4.08
CA ASP A 145 11.45 9.72 -3.83
C ASP A 145 10.14 9.77 -3.05
N ALA A 146 9.32 8.76 -3.26
CA ALA A 146 8.21 8.49 -2.37
C ALA A 146 8.71 7.60 -1.24
N LEU A 147 8.27 7.91 -0.02
CA LEU A 147 8.75 7.26 1.19
C LEU A 147 7.61 6.65 1.98
N ALA A 148 7.94 5.60 2.73
CA ALA A 148 6.99 4.98 3.66
C ALA A 148 6.67 5.93 4.80
N PRO A 149 5.48 5.84 5.37
CA PRO A 149 5.18 6.65 6.55
C PRO A 149 5.95 6.14 7.75
N VAL A 150 6.24 7.04 8.65
CA VAL A 150 6.88 6.67 9.91
C VAL A 150 5.79 6.40 10.94
N LEU A 151 5.98 5.35 11.75
CA LEU A 151 4.97 4.87 12.69
C LEU A 151 5.40 5.21 14.12
N ASP A 152 4.55 5.97 14.83
CA ASP A 152 4.83 6.42 16.17
C ASP A 152 4.59 5.31 17.19
N GLU A 153 4.72 5.65 18.48
CA GLU A 153 4.64 4.68 19.56
C GLU A 153 3.21 4.17 19.82
N THR A 154 2.19 4.74 19.18
CA THR A 154 0.86 4.15 19.34
C THR A 154 0.75 2.84 18.57
N TRP A 155 1.65 2.59 17.63
CA TRP A 155 1.64 1.37 16.84
C TRP A 155 2.46 0.30 17.54
N ARG A 156 1.91 -0.91 17.59
CA ARG A 156 2.62 -2.07 18.11
C ARG A 156 2.88 -3.02 16.94
N GLY A 157 4.11 -3.49 16.82
CA GLY A 157 4.54 -4.20 15.63
C GLY A 157 5.00 -5.62 15.92
N GLU A 158 4.85 -6.48 14.92
CA GLU A 158 5.42 -7.83 14.90
C GLU A 158 6.35 -7.87 13.70
N THR A 159 7.60 -8.25 13.91
CA THR A 159 8.59 -8.29 12.84
C THR A 159 8.94 -9.74 12.55
N GLY A 160 8.81 -10.16 11.29
CA GLY A 160 9.26 -11.48 10.90
C GLY A 160 10.77 -11.57 10.76
N GLU A 161 11.28 -12.80 10.79
CA GLU A 161 12.69 -13.02 10.51
C GLU A 161 12.98 -12.73 9.03
N TRP A 162 14.26 -12.46 8.73
CA TRP A 162 14.65 -12.30 7.33
C TRP A 162 14.42 -13.60 6.58
N ARG A 163 13.80 -13.48 5.40
CA ARG A 163 13.55 -14.56 4.47
CA ARG A 163 13.57 -14.57 4.47
C ARG A 163 14.31 -14.26 3.18
N PHE A 164 14.38 -15.24 2.28
CA PHE A 164 15.18 -15.07 1.07
C PHE A 164 14.32 -15.36 -0.15
N SER A 165 14.29 -14.42 -1.08
CA SER A 165 13.43 -14.53 -2.26
CA SER A 165 13.44 -14.50 -2.27
C SER A 165 14.10 -15.35 -3.35
N ARG A 166 13.26 -15.94 -4.22
CA ARG A 166 13.78 -16.62 -5.39
C ARG A 166 14.61 -15.65 -6.24
N SER A 167 14.29 -14.35 -6.17
CA SER A 167 15.00 -13.32 -6.92
CA SER A 167 15.03 -13.37 -6.95
C SER A 167 16.35 -12.93 -6.29
N GLY A 168 16.73 -13.55 -5.17
CA GLY A 168 18.04 -13.27 -4.60
C GLY A 168 18.12 -12.06 -3.70
N LEU A 169 16.99 -11.60 -3.16
CA LEU A 169 16.96 -10.52 -2.19
C LEU A 169 16.41 -11.02 -0.86
N ARG A 170 16.99 -10.55 0.23
CA ARG A 170 16.36 -10.81 1.52
C ARG A 170 15.18 -9.87 1.70
N TYR A 171 14.17 -10.36 2.43
CA TYR A 171 13.00 -9.55 2.76
C TYR A 171 12.40 -10.04 4.06
N ARG A 172 11.60 -9.18 4.69
CA ARG A 172 10.92 -9.59 5.91
C ARG A 172 9.59 -8.84 5.98
N LEU A 173 8.66 -9.42 6.72
CA LEU A 173 7.30 -8.89 6.84
C LEU A 173 7.10 -8.32 8.23
N TYR A 174 6.41 -7.19 8.30
CA TYR A 174 5.96 -6.63 9.57
C TYR A 174 4.44 -6.51 9.55
N SER A 175 3.82 -6.69 10.71
CA SER A 175 2.40 -6.42 10.90
CA SER A 175 2.40 -6.43 10.89
C SER A 175 2.25 -5.50 12.09
N TYR A 176 1.65 -4.33 11.88
CA TYR A 176 1.45 -3.36 12.94
C TYR A 176 -0.04 -3.17 13.20
N HIS A 177 -0.39 -2.91 14.45
CA HIS A 177 -1.78 -2.66 14.83
C HIS A 177 -1.82 -1.54 15.84
N ARG A 178 -2.96 -0.86 15.91
CA ARG A 178 -3.29 0.01 17.04
C ARG A 178 -4.79 0.05 17.19
N SER A 179 -5.23 0.61 18.32
CA SER A 179 -6.66 0.69 18.63
C SER A 179 -7.43 1.69 17.78
#